data_3WA4
#
_entry.id   3WA4
#
_cell.length_a   59.010
_cell.length_b   59.010
_cell.length_c   117.090
_cell.angle_alpha   90.00
_cell.angle_beta   90.00
_cell.angle_gamma   120.00
#
_symmetry.space_group_name_H-M   'P 61 2 2'
#
loop_
_entity.id
_entity.type
_entity.pdbx_description
1 polymer 'Growth factor receptor-bound protein 2'
2 polymer 'T-cell-specific surface glycoprotein CD28'
3 non-polymer 'CADMIUM ION'
4 non-polymer 'ACETIC ACID'
5 water water
#
loop_
_entity_poly.entity_id
_entity_poly.type
_entity_poly.pdbx_seq_one_letter_code
_entity_poly.pdbx_strand_id
1 'polypeptide(L)'
;GSPEFWFFGKIPRAKAEEMLSKQRHDGAFLIRESESAPGDFSLSVKFGNDVQHFKVLRDGAGKYFLWVVKFNSLNELVDY
HRSTSVSRNQQIFLRDIE
;
A
2 'polypeptide(L)' SD(PTR)MNMTP B
#
# COMPACT_ATOMS: atom_id res chain seq x y z
N PRO A 3 -13.06 9.19 9.65
CA PRO A 3 -12.42 7.87 9.25
C PRO A 3 -11.11 7.98 8.46
N GLU A 4 -10.47 6.86 8.23
CA GLU A 4 -9.30 6.85 7.34
C GLU A 4 -9.85 6.80 5.93
N PHE A 5 -9.19 7.57 5.12
CA PHE A 5 -9.65 7.75 3.72
C PHE A 5 -8.91 6.86 2.74
N TRP A 6 -8.07 6.00 3.21
CA TRP A 6 -7.22 5.17 2.38
C TRP A 6 -7.67 3.73 2.33
N PHE A 7 -8.70 3.32 3.10
CA PHE A 7 -9.14 1.97 3.07
C PHE A 7 -10.29 1.80 2.06
N PHE A 8 -10.01 1.05 0.99
CA PHE A 8 -10.94 0.90 -0.14
C PHE A 8 -11.58 -0.48 -0.18
N GLY A 9 -11.50 -1.25 0.89
CA GLY A 9 -12.24 -2.48 0.88
C GLY A 9 -11.80 -3.40 -0.23
N LYS A 10 -12.73 -4.15 -0.77
CA LYS A 10 -12.44 -5.17 -1.74
C LYS A 10 -12.43 -4.70 -3.19
N ILE A 11 -11.80 -3.62 -3.48
CA ILE A 11 -11.64 -3.10 -4.87
C ILE A 11 -10.64 -4.04 -5.57
N PRO A 12 -10.98 -4.53 -6.76
CA PRO A 12 -10.03 -5.33 -7.48
C PRO A 12 -8.73 -4.58 -7.86
N ARG A 13 -7.64 -5.32 -7.99
CA ARG A 13 -6.34 -4.78 -8.33
C ARG A 13 -6.44 -3.86 -9.56
N ALA A 14 -7.14 -4.29 -10.59
CA ALA A 14 -7.26 -3.52 -11.83
C ALA A 14 -7.97 -2.21 -11.62
N LYS A 15 -9.03 -2.24 -10.81
CA LYS A 15 -9.77 -1.03 -10.44
C LYS A 15 -8.93 -0.03 -9.64
N ALA A 16 -8.13 -0.57 -8.74
CA ALA A 16 -7.24 0.26 -7.97
C ALA A 16 -6.26 0.96 -8.89
N GLU A 17 -5.74 0.23 -9.86
CA GLU A 17 -4.84 0.79 -10.86
C GLU A 17 -5.52 1.89 -11.66
N GLU A 18 -6.74 1.67 -12.11
CA GLU A 18 -7.49 2.64 -12.91
C GLU A 18 -7.68 3.91 -12.08
N MET A 19 -8.12 3.75 -10.83
CA MET A 19 -8.29 4.88 -9.88
CA MET A 19 -8.31 4.93 -9.96
C MET A 19 -6.99 5.69 -9.69
N LEU A 20 -5.97 4.99 -9.29
CA LEU A 20 -4.72 5.67 -8.90
C LEU A 20 -3.98 6.31 -10.05
N SER A 21 -4.17 5.76 -11.24
CA SER A 21 -3.52 6.27 -12.43
C SER A 21 -4.02 7.72 -12.71
N LYS A 22 -5.20 8.10 -12.19
CA LYS A 22 -5.73 9.43 -12.42
C LYS A 22 -5.24 10.45 -11.38
N GLN A 23 -4.63 9.95 -10.30
CA GLN A 23 -4.16 10.86 -9.26
C GLN A 23 -3.05 11.77 -9.78
N ARG A 24 -2.95 12.94 -9.16
CA ARG A 24 -1.86 13.85 -9.56
C ARG A 24 -0.51 13.63 -8.91
N HIS A 25 -0.44 13.02 -7.72
CA HIS A 25 0.80 12.96 -7.01
C HIS A 25 1.26 11.54 -6.82
N ASP A 26 2.50 11.32 -7.13
CA ASP A 26 3.22 10.11 -6.67
C ASP A 26 3.11 9.95 -5.18
N GLY A 27 2.83 8.70 -4.80
CA GLY A 27 2.59 8.37 -3.41
C GLY A 27 1.13 8.32 -3.02
N ALA A 28 0.23 8.84 -3.86
CA ALA A 28 -1.20 8.64 -3.63
C ALA A 28 -1.45 7.12 -3.56
N PHE A 29 -2.22 6.68 -2.59
CA PHE A 29 -2.29 5.26 -2.31
C PHE A 29 -3.62 4.85 -1.73
N LEU A 30 -3.80 3.51 -1.73
CA LEU A 30 -4.90 2.89 -1.02
C LEU A 30 -4.45 1.55 -0.49
N ILE A 31 -5.15 1.13 0.54
CA ILE A 31 -5.09 -0.25 0.99
C ILE A 31 -6.37 -0.94 0.53
N ARG A 32 -6.20 -2.16 0.02
CA ARG A 32 -7.30 -2.95 -0.45
C ARG A 32 -7.21 -4.34 0.12
N GLU A 33 -8.36 -4.99 0.19
CA GLU A 33 -8.48 -6.36 0.59
C GLU A 33 -8.21 -7.25 -0.59
N SER A 34 -7.13 -8.02 -0.48
CA SER A 34 -6.63 -8.82 -1.59
C SER A 34 -7.68 -9.89 -1.99
N GLU A 35 -7.90 -10.09 -3.26
CA GLU A 35 -8.65 -11.20 -3.79
C GLU A 35 -7.79 -12.47 -3.94
N SER A 36 -6.48 -12.31 -4.19
CA SER A 36 -5.56 -13.48 -4.42
C SER A 36 -5.05 -14.09 -3.10
N ALA A 37 -5.06 -13.31 -2.03
CA ALA A 37 -4.68 -13.75 -0.66
C ALA A 37 -5.85 -13.32 0.19
N PRO A 38 -6.94 -14.13 0.11
CA PRO A 38 -8.16 -13.75 0.83
C PRO A 38 -7.96 -13.56 2.34
N GLY A 39 -8.41 -12.41 2.79
CA GLY A 39 -8.21 -11.97 4.14
C GLY A 39 -6.92 -11.21 4.49
N ASP A 40 -6.07 -11.05 3.51
CA ASP A 40 -4.87 -10.25 3.56
C ASP A 40 -5.08 -8.94 2.78
N PHE A 41 -4.14 -8.04 2.93
CA PHE A 41 -4.22 -6.70 2.39
C PHE A 41 -3.07 -6.43 1.43
N SER A 42 -3.37 -5.52 0.51
CA SER A 42 -2.41 -5.10 -0.50
C SER A 42 -2.42 -3.57 -0.50
N LEU A 43 -1.26 -2.98 -0.76
CA LEU A 43 -1.07 -1.54 -0.82
C LEU A 43 -0.77 -1.19 -2.28
N SER A 44 -1.54 -0.27 -2.83
CA SER A 44 -1.36 0.17 -4.22
C SER A 44 -1.04 1.65 -4.22
N VAL A 45 -0.04 2.06 -5.03
CA VAL A 45 0.53 3.38 -4.94
C VAL A 45 0.84 3.89 -6.33
N LYS A 46 0.48 5.14 -6.59
CA LYS A 46 0.88 5.81 -7.81
C LYS A 46 2.36 6.15 -7.82
N PHE A 47 2.99 5.88 -8.95
CA PHE A 47 4.33 6.36 -9.21
C PHE A 47 4.54 6.63 -10.65
N GLY A 48 4.62 7.91 -11.03
CA GLY A 48 4.70 8.23 -12.44
C GLY A 48 3.53 7.67 -13.24
N ASN A 49 3.83 7.00 -14.35
CA ASN A 49 2.80 6.45 -15.23
C ASN A 49 2.50 5.01 -14.84
N ASP A 50 2.89 4.57 -13.65
CA ASP A 50 2.66 3.22 -13.17
C ASP A 50 1.84 3.29 -11.84
N VAL A 51 1.35 2.12 -11.46
CA VAL A 51 0.83 1.88 -10.14
C VAL A 51 1.56 0.65 -9.63
N GLN A 52 2.19 0.78 -8.47
CA GLN A 52 2.95 -0.28 -7.82
C GLN A 52 2.13 -0.91 -6.74
N HIS A 53 2.31 -2.20 -6.58
CA HIS A 53 1.59 -2.97 -5.57
C HIS A 53 2.54 -3.63 -4.60
N PHE A 54 2.21 -3.60 -3.29
CA PHE A 54 3.00 -4.18 -2.22
C PHE A 54 2.07 -5.13 -1.45
N LYS A 55 2.56 -6.29 -1.11
CA LYS A 55 1.81 -7.20 -0.22
C LYS A 55 2.00 -6.69 1.20
N VAL A 56 0.92 -6.54 1.94
CA VAL A 56 1.08 -6.28 3.37
C VAL A 56 1.34 -7.65 4.03
N LEU A 57 2.59 -7.82 4.45
CA LEU A 57 3.02 -9.05 5.06
C LEU A 57 2.63 -9.08 6.52
N ARG A 58 2.55 -10.29 7.03
CA ARG A 58 2.13 -10.55 8.41
C ARG A 58 3.12 -11.51 9.05
N ASP A 59 3.21 -11.43 10.37
CA ASP A 59 4.08 -12.36 11.06
C ASP A 59 3.34 -13.18 12.08
N GLY A 60 4.09 -13.98 12.82
CA GLY A 60 3.54 -14.93 13.74
C GLY A 60 2.81 -14.28 14.90
N ALA A 61 3.07 -13.00 15.20
CA ALA A 61 2.35 -12.23 16.22
C ALA A 61 1.22 -11.39 15.65
N GLY A 62 1.01 -11.46 14.35
CA GLY A 62 -0.06 -10.67 13.77
C GLY A 62 0.33 -9.22 13.36
N LYS A 63 1.65 -8.93 13.40
CA LYS A 63 2.09 -7.61 12.90
C LYS A 63 1.92 -7.47 11.42
N TYR A 64 1.99 -6.24 10.97
CA TYR A 64 1.95 -5.86 9.57
C TYR A 64 3.28 -5.24 9.18
N PHE A 65 3.75 -5.54 7.96
CA PHE A 65 4.99 -4.98 7.50
C PHE A 65 5.09 -5.05 5.97
N LEU A 66 5.96 -4.20 5.43
CA LEU A 66 6.30 -4.29 3.98
C LEU A 66 7.68 -4.93 3.75
N TRP A 67 8.64 -4.60 4.62
CA TRP A 67 10.02 -4.97 4.42
C TRP A 67 10.54 -5.62 5.72
N VAL A 68 10.93 -4.80 6.66
N VAL A 68 11.06 -4.80 6.66
CA VAL A 68 11.54 -5.34 7.83
CA VAL A 68 11.56 -5.28 7.99
C VAL A 68 11.01 -4.70 9.13
C VAL A 68 10.78 -4.74 9.14
N VAL A 69 10.63 -3.43 9.16
CA VAL A 69 10.04 -2.77 10.32
C VAL A 69 8.56 -3.14 10.41
N LYS A 70 8.14 -3.51 11.64
CA LYS A 70 6.82 -4.01 11.88
C LYS A 70 5.92 -3.19 12.74
N PHE A 71 4.59 -3.27 12.44
CA PHE A 71 3.55 -2.44 13.04
C PHE A 71 2.40 -3.24 13.61
N ASN A 72 1.76 -2.69 14.64
CA ASN A 72 0.62 -3.39 15.24
C ASN A 72 -0.72 -3.21 14.52
N SER A 73 -0.75 -2.31 13.54
CA SER A 73 -1.96 -2.03 12.77
C SER A 73 -1.57 -1.61 11.37
N LEU A 74 -2.55 -1.68 10.46
CA LEU A 74 -2.44 -1.07 9.16
C LEU A 74 -2.24 0.44 9.33
N ASN A 75 -2.99 1.01 10.27
CA ASN A 75 -2.90 2.45 10.44
C ASN A 75 -1.45 2.88 10.73
N GLU A 76 -0.80 2.18 11.61
CA GLU A 76 0.59 2.54 11.98
C GLU A 76 1.57 2.30 10.82
N LEU A 77 1.35 1.24 10.06
N LEU A 77 1.36 1.22 10.08
CA LEU A 77 2.18 0.97 8.88
CA LEU A 77 2.14 0.94 8.88
C LEU A 77 2.04 2.12 7.86
C LEU A 77 2.05 2.12 7.91
N VAL A 78 0.82 2.51 7.58
CA VAL A 78 0.56 3.61 6.66
C VAL A 78 1.22 4.85 7.18
N ASP A 79 1.02 5.23 8.45
CA ASP A 79 1.56 6.49 8.91
C ASP A 79 3.09 6.46 8.84
N TYR A 80 3.72 5.35 9.23
CA TYR A 80 5.19 5.23 9.10
C TYR A 80 5.64 5.57 7.70
N HIS A 81 4.92 5.05 6.71
CA HIS A 81 5.33 5.19 5.33
C HIS A 81 4.91 6.49 4.68
N ARG A 82 4.35 7.42 5.47
CA ARG A 82 4.18 8.80 5.04
C ARG A 82 5.54 9.48 5.04
N SER A 83 6.46 9.03 5.86
CA SER A 83 7.76 9.74 6.00
C SER A 83 8.97 8.82 5.82
N THR A 84 8.75 7.54 5.50
CA THR A 84 9.84 6.56 5.13
C THR A 84 9.36 5.84 3.87
N SER A 85 10.22 5.77 2.84
CA SER A 85 9.81 5.27 1.54
C SER A 85 9.18 3.87 1.59
N VAL A 86 8.11 3.64 0.80
CA VAL A 86 7.59 2.30 0.61
C VAL A 86 8.45 1.49 -0.31
N SER A 87 9.19 2.17 -1.18
CA SER A 87 9.89 1.49 -2.27
C SER A 87 11.38 1.43 -1.97
N ARG A 88 12.03 0.34 -2.37
CA ARG A 88 13.49 0.24 -2.25
C ARG A 88 14.19 0.77 -3.51
N ASN A 89 13.46 1.12 -4.56
CA ASN A 89 14.03 1.50 -5.85
C ASN A 89 13.97 3.04 -6.02
N GLN A 90 12.97 3.70 -5.45
CA GLN A 90 12.69 5.12 -5.63
C GLN A 90 12.18 5.63 -4.27
N GLN A 91 12.34 6.91 -3.96
CA GLN A 91 11.72 7.46 -2.76
C GLN A 91 10.27 7.71 -3.08
N ILE A 92 9.38 7.01 -2.41
CA ILE A 92 7.93 7.16 -2.54
C ILE A 92 7.33 7.21 -1.11
N PHE A 93 6.77 8.36 -0.75
CA PHE A 93 6.12 8.61 0.51
C PHE A 93 4.60 8.59 0.31
N LEU A 94 3.92 7.85 1.15
CA LEU A 94 2.46 7.76 1.08
C LEU A 94 1.81 9.10 1.39
N ARG A 95 0.77 9.36 0.64
CA ARG A 95 -0.11 10.53 0.88
C ARG A 95 -1.49 10.20 0.44
N ASP A 96 -2.47 10.80 1.05
CA ASP A 96 -3.87 10.41 0.79
C ASP A 96 -4.28 10.86 -0.61
N ILE A 97 -5.13 10.06 -1.21
CA ILE A 97 -5.78 10.44 -2.46
C ILE A 97 -6.50 11.75 -2.32
N GLU A 98 -6.55 12.46 -3.43
CA GLU A 98 -7.32 13.66 -3.62
C GLU A 98 -8.47 13.43 -4.54
N ASP B 2 2.19 -9.44 -9.76
CA ASP B 2 3.48 -9.05 -9.08
C ASP B 2 3.33 -8.00 -7.98
N MET B 4 6.00 -5.53 -5.43
CA MET B 4 7.35 -4.98 -5.40
C MET B 4 8.17 -5.50 -4.29
N ASN B 5 7.56 -6.03 -3.24
CA ASN B 5 8.28 -6.45 -2.03
C ASN B 5 8.46 -7.93 -1.91
N MET B 6 8.73 -8.51 -3.03
CA MET B 6 9.14 -9.92 -3.16
C MET B 6 10.58 -10.08 -3.66
N THR B 7 11.23 -11.13 -3.21
CA THR B 7 12.41 -11.65 -3.84
C THR B 7 12.32 -11.83 -5.39
#